data_8T6F
#
_entry.id   8T6F
#
_cell.length_a   98.301
_cell.length_b   136.957
_cell.length_c   38.257
_cell.angle_alpha   90.00
_cell.angle_beta   90.00
_cell.angle_gamma   90.00
#
_symmetry.space_group_name_H-M   'P 21 21 2'
#
loop_
_entity.id
_entity.type
_entity.pdbx_description
1 polymer 'Maltose/maltodextrin-binding periplasmic protein/Induced myeloid leukemia cell differentiation protein Mcl-1 Chimera'
2 branched alpha-D-glucopyranose-(1-4)-alpha-D-glucopyranose
3 non-polymer 'MAGNESIUM ION'
4 non-polymer "(3aM,9S,15R)-4-chloro-3-ethyl-7-{3-[(6-fluoronaphthalen-1-yl)oxy]propyl}-2-methyl-15-[2-(morpholin-4-yl)ethyl]-2,10,11,12,13,15-hexahydropyrazolo[4',3':9,10][1,6]oxazacycloundecino[8,7,6-hi]indole-8-carboxylic acid"
5 non-polymer 'DIMETHYL SULFOXIDE'
6 non-polymer 'TRIETHYLENE GLYCOL'
7 water water
#
_entity_poly.entity_id   1
_entity_poly.type   'polypeptide(L)'
_entity_poly.pdbx_seq_one_letter_code
;GKIEEGKLVIWINGDKGYNGLAEVGKKFEKDTGIKVTVEHPDKLEEKFPQVAATGDGPDIIFWAHDRFGGYAQSGLLAEI
TPDKAFQDKLYPFTWDAVRYNGKLIAYPIAVEALSLIYNKDLLPNPPKTWEEIPALDKELKAKGKSALMFNLQEPYFTWP
LIAADGGYAFKYENGKYDIKDVGVDNAGAKAGLTFLVDLIKNKHMNADTDYSIAEAAFNKGETAMTINGPWAWSNIDTSK
VNYGVTVLPTFKGQPSKPFVGVLSAGINAASPNKELAKEFLENYLLTDEGLEAVNKDKPLGAVALKSYEEELAKDPRIAA
TMENAQKGEIMPNIPQMSAFWYAVRTAVINAASGRQTVDEALKDAQTGSELYRQSLEIISRYLREQATGAADTAPMGASG
ATSRKALETLRRVGDGVQRNHETAFQGMLRKLDIKNEDDVKSLSRVMIHVFSDGVTNWGRIVTLISFGAFVAKHLKTINQ
ESCIEPLAESITDVLVRTKRDWLVKQRGWDGFVEFFHV
;
_entity_poly.pdbx_strand_id   A
#
loop_
_chem_comp.id
_chem_comp.type
_chem_comp.name
_chem_comp.formula
DMS non-polymer 'DIMETHYL SULFOXIDE' 'C2 H6 O S'
GLC D-saccharide, alpha linking alpha-D-glucopyranose 'C6 H12 O6'
MG non-polymer 'MAGNESIUM ION' 'Mg 2'
PGE non-polymer 'TRIETHYLENE GLYCOL' 'C6 H14 O4'
YI7 non-polymer '(3aM,9S,15R)-4-chloro-3-ethyl-7-{3-[(6-fluoronaphthalen-1-yl)oxy]propyl}-2-methyl-15-[2-(morpholin-4-yl)ethyl]-2,10,11,12,13,15-hexahydropyrazolo[4',3':9,10][1,6]oxazacycloundecino[8,7,6-hi]indole-8-carboxylic acid' 'C39 H44 Cl F N4 O5'
#
# COMPACT_ATOMS: atom_id res chain seq x y z
N GLY A 1 -12.24 19.76 -13.11
CA GLY A 1 -11.47 18.64 -13.62
C GLY A 1 -10.12 19.01 -14.18
N LYS A 2 -9.68 20.24 -13.91
CA LYS A 2 -8.35 20.68 -14.31
C LYS A 2 -7.72 21.47 -13.17
N ILE A 3 -6.44 21.22 -12.94
CA ILE A 3 -5.74 21.84 -11.83
C ILE A 3 -5.41 23.28 -12.19
N GLU A 4 -5.59 24.20 -11.23
CA GLU A 4 -5.40 25.62 -11.53
C GLU A 4 -3.93 26.01 -11.55
N GLU A 5 -3.56 26.79 -12.57
CA GLU A 5 -2.21 27.29 -12.72
C GLU A 5 -1.99 28.52 -11.84
N GLY A 6 -0.78 28.65 -11.31
CA GLY A 6 -0.43 29.83 -10.53
C GLY A 6 -0.68 29.72 -9.05
N LYS A 7 -0.74 28.50 -8.52
CA LYS A 7 -0.89 28.24 -7.10
C LYS A 7 -0.41 26.81 -6.89
N LEU A 8 -0.26 26.42 -5.63
CA LEU A 8 0.03 25.02 -5.32
C LEU A 8 -0.99 24.51 -4.33
N VAL A 9 -1.58 23.35 -4.64
CA VAL A 9 -2.43 22.60 -3.71
C VAL A 9 -1.68 21.34 -3.28
N ILE A 10 -1.60 21.12 -1.97
CA ILE A 10 -0.80 20.03 -1.39
C ILE A 10 -1.72 19.20 -0.52
N TRP A 11 -1.65 17.87 -0.67
CA TRP A 11 -2.33 16.94 0.21
C TRP A 11 -1.33 16.21 1.09
N ILE A 12 -1.64 16.13 2.39
CA ILE A 12 -0.83 15.39 3.35
C ILE A 12 -1.75 14.81 4.40
N ASN A 13 -1.36 13.70 5.01
CA ASN A 13 -2.24 13.04 5.96
C ASN A 13 -2.43 13.87 7.23
N GLY A 14 -3.60 13.72 7.84
CA GLY A 14 -3.96 14.52 8.98
C GLY A 14 -3.18 14.19 10.23
N ASP A 15 -2.37 13.14 10.23
CA ASP A 15 -1.54 12.88 11.40
C ASP A 15 -0.15 13.50 11.27
N LYS A 16 0.16 14.20 10.17
N LYS A 16 0.16 14.18 10.16
CA LYS A 16 1.48 14.80 9.98
CA LYS A 16 1.46 14.79 9.92
C LYS A 16 1.41 16.29 10.25
C LYS A 16 1.42 16.27 10.32
N GLY A 17 2.58 16.93 10.21
CA GLY A 17 2.69 18.35 10.54
C GLY A 17 2.22 19.28 9.46
N TYR A 18 0.91 19.28 9.19
CA TYR A 18 0.43 20.10 8.09
C TYR A 18 0.44 21.58 8.40
N ASN A 19 0.36 21.98 9.68
CA ASN A 19 0.47 23.41 9.97
C ASN A 19 1.89 23.89 9.77
N GLY A 20 2.87 23.05 10.10
CA GLY A 20 4.25 23.39 9.80
C GLY A 20 4.52 23.45 8.31
N LEU A 21 3.95 22.51 7.56
CA LEU A 21 4.09 22.55 6.11
C LEU A 21 3.46 23.82 5.54
N ALA A 22 2.32 24.25 6.09
CA ALA A 22 1.69 25.50 5.66
C ALA A 22 2.57 26.69 5.95
N GLU A 23 3.37 26.64 7.03
CA GLU A 23 4.32 27.70 7.30
C GLU A 23 5.39 27.78 6.22
N VAL A 24 5.89 26.62 5.76
CA VAL A 24 6.80 26.62 4.63
C VAL A 24 6.10 27.21 3.42
N GLY A 25 4.83 26.87 3.23
CA GLY A 25 4.09 27.44 2.13
C GLY A 25 3.98 28.95 2.20
N LYS A 26 3.82 29.51 3.40
CA LYS A 26 3.74 30.96 3.52
C LYS A 26 5.06 31.60 3.15
N LYS A 27 6.18 30.98 3.53
CA LYS A 27 7.49 31.51 3.15
C LYS A 27 7.69 31.45 1.64
N PHE A 28 7.19 30.38 1.01
CA PHE A 28 7.18 30.30 -0.45
C PHE A 28 6.39 31.45 -1.06
N GLU A 29 5.19 31.71 -0.51
CA GLU A 29 4.35 32.79 -1.02
C GLU A 29 5.03 34.14 -0.90
N LYS A 30 5.80 34.34 0.16
CA LYS A 30 6.46 35.62 0.35
C LYS A 30 7.50 35.88 -0.73
N ASP A 31 8.24 34.84 -1.13
CA ASP A 31 9.25 35.01 -2.18
C ASP A 31 8.62 35.15 -3.57
N THR A 32 7.55 34.39 -3.82
CA THR A 32 7.10 34.18 -5.19
C THR A 32 5.75 34.78 -5.51
N GLY A 33 4.98 35.21 -4.51
CA GLY A 33 3.61 35.59 -4.76
C GLY A 33 2.66 34.45 -5.06
N ILE A 34 3.12 33.21 -4.95
CA ILE A 34 2.30 32.04 -5.27
C ILE A 34 1.75 31.48 -3.96
N LYS A 35 0.42 31.42 -3.84
CA LYS A 35 -0.24 30.93 -2.64
C LYS A 35 -0.20 29.40 -2.59
N VAL A 36 0.05 28.86 -1.40
CA VAL A 36 0.18 27.42 -1.18
C VAL A 36 -0.93 27.00 -0.23
N THR A 37 -1.79 26.08 -0.68
CA THR A 37 -2.90 25.56 0.12
C THR A 37 -2.58 24.15 0.56
N VAL A 38 -2.51 23.92 1.87
CA VAL A 38 -2.28 22.58 2.41
C VAL A 38 -3.61 22.02 2.90
N GLU A 39 -3.97 20.84 2.40
CA GLU A 39 -5.20 20.13 2.78
C GLU A 39 -4.85 18.74 3.30
N HIS A 40 -5.70 18.23 4.20
CA HIS A 40 -5.55 16.87 4.73
C HIS A 40 -6.87 16.11 4.58
N PRO A 41 -7.27 15.78 3.36
CA PRO A 41 -8.54 15.06 3.16
C PRO A 41 -8.51 13.68 3.80
N ASP A 42 -9.70 13.22 4.20
N ASP A 42 -9.70 13.23 4.21
CA ASP A 42 -9.81 11.84 4.65
CA ASP A 42 -9.89 11.84 4.60
C ASP A 42 -9.58 10.90 3.48
C ASP A 42 -9.55 10.91 3.45
N LYS A 43 -8.89 9.79 3.77
CA LYS A 43 -8.60 8.74 2.78
C LYS A 43 -7.93 9.30 1.52
N LEU A 44 -6.99 10.23 1.71
CA LEU A 44 -6.41 10.89 0.53
C LEU A 44 -5.67 9.91 -0.36
N GLU A 45 -5.10 8.85 0.22
CA GLU A 45 -4.36 7.88 -0.57
C GLU A 45 -5.27 7.03 -1.45
N GLU A 46 -6.55 6.95 -1.10
CA GLU A 46 -7.54 6.35 -2.00
C GLU A 46 -8.11 7.36 -2.97
N LYS A 47 -8.26 8.62 -2.54
CA LYS A 47 -8.84 9.65 -3.39
C LYS A 47 -7.88 10.11 -4.47
N PHE A 48 -6.59 10.21 -4.16
CA PHE A 48 -5.65 10.70 -5.16
C PHE A 48 -5.69 9.92 -6.47
N PRO A 49 -5.62 8.58 -6.49
CA PRO A 49 -5.63 7.89 -7.79
C PRO A 49 -6.93 8.07 -8.56
N GLN A 50 -8.06 8.26 -7.88
CA GLN A 50 -9.31 8.46 -8.60
C GLN A 50 -9.37 9.84 -9.23
N VAL A 51 -9.05 10.88 -8.46
CA VAL A 51 -9.14 12.23 -9.02
C VAL A 51 -7.99 12.54 -9.98
N ALA A 52 -6.78 12.02 -9.73
CA ALA A 52 -5.67 12.31 -10.63
C ALA A 52 -5.85 11.61 -11.98
N ALA A 53 -6.56 10.48 -12.00
CA ALA A 53 -6.81 9.82 -13.28
C ALA A 53 -7.64 10.67 -14.21
N THR A 54 -8.38 11.65 -13.68
CA THR A 54 -9.17 12.55 -14.50
C THR A 54 -8.46 13.87 -14.80
N GLY A 55 -7.20 14.02 -14.39
CA GLY A 55 -6.53 15.29 -14.55
C GLY A 55 -6.76 16.28 -13.45
N ASP A 56 -7.33 15.86 -12.32
CA ASP A 56 -7.66 16.69 -11.18
C ASP A 56 -6.72 16.34 -10.02
N GLY A 57 -7.00 16.92 -8.85
CA GLY A 57 -6.29 16.60 -7.64
C GLY A 57 -5.29 17.66 -7.24
N PRO A 58 -4.46 17.35 -6.24
CA PRO A 58 -3.45 18.31 -5.78
C PRO A 58 -2.28 18.39 -6.74
N ASP A 59 -1.52 19.49 -6.63
CA ASP A 59 -0.25 19.56 -7.33
C ASP A 59 0.75 18.59 -6.71
N ILE A 60 0.74 18.45 -5.39
CA ILE A 60 1.70 17.64 -4.65
C ILE A 60 0.93 16.72 -3.70
N ILE A 61 1.28 15.43 -3.67
CA ILE A 61 0.71 14.49 -2.70
C ILE A 61 1.82 13.94 -1.80
N PHE A 62 1.59 13.95 -0.49
CA PHE A 62 2.50 13.33 0.49
C PHE A 62 1.89 12.02 0.97
N TRP A 63 2.68 10.96 0.95
CA TRP A 63 2.30 9.70 1.57
C TRP A 63 3.60 8.91 1.76
N ALA A 64 3.52 7.85 2.54
CA ALA A 64 4.61 6.87 2.55
C ALA A 64 4.80 6.33 1.13
N HIS A 65 6.03 5.93 0.86
CA HIS A 65 6.41 5.56 -0.50
C HIS A 65 5.69 4.34 -1.04
N ASP A 66 5.08 3.51 -0.17
CA ASP A 66 4.55 2.23 -0.63
C ASP A 66 3.44 2.41 -1.66
N ARG A 67 2.70 3.50 -1.59
CA ARG A 67 1.58 3.70 -2.51
C ARG A 67 1.99 4.30 -3.85
N PHE A 68 3.23 4.79 -3.97
CA PHE A 68 3.59 5.61 -5.12
CA PHE A 68 3.57 5.60 -5.12
C PHE A 68 3.87 4.78 -6.35
N GLY A 69 4.27 3.51 -6.19
CA GLY A 69 4.49 2.68 -7.36
C GLY A 69 3.22 2.48 -8.16
N GLY A 70 2.12 2.19 -7.46
CA GLY A 70 0.82 2.13 -8.10
C GLY A 70 0.47 3.42 -8.81
N TYR A 71 0.68 4.57 -8.15
CA TYR A 71 0.38 5.84 -8.80
C TYR A 71 1.21 6.02 -10.07
N ALA A 72 2.49 5.69 -9.99
CA ALA A 72 3.40 5.84 -11.12
C ALA A 72 3.02 4.92 -12.27
N GLN A 73 2.67 3.67 -11.94
CA GLN A 73 2.27 2.72 -12.97
C GLN A 73 1.04 3.20 -13.71
N SER A 74 0.14 3.90 -13.02
CA SER A 74 -1.05 4.48 -13.62
C SER A 74 -0.80 5.79 -14.36
N GLY A 75 0.45 6.24 -14.47
CA GLY A 75 0.71 7.51 -15.14
C GLY A 75 0.34 8.77 -14.38
N LEU A 76 0.25 8.72 -13.05
CA LEU A 76 -0.27 9.84 -12.27
C LEU A 76 0.81 10.74 -11.69
N LEU A 77 2.09 10.38 -11.79
CA LEU A 77 3.16 11.12 -11.16
C LEU A 77 4.15 11.62 -12.20
N ALA A 78 4.62 12.85 -12.02
CA ALA A 78 5.68 13.38 -12.86
C ALA A 78 7.01 12.77 -12.47
N GLU A 79 7.86 12.52 -13.46
CA GLU A 79 9.21 12.08 -13.13
C GLU A 79 9.99 13.21 -12.46
N ILE A 80 10.72 12.86 -11.42
CA ILE A 80 11.55 13.79 -10.65
C ILE A 80 12.97 13.70 -11.21
N THR A 81 13.58 14.84 -11.53
CA THR A 81 14.93 14.86 -12.08
C THR A 81 15.79 15.88 -11.31
N PRO A 82 16.07 15.60 -10.04
CA PRO A 82 16.95 16.50 -9.29
C PRO A 82 18.37 16.37 -9.82
N ASP A 83 19.13 17.45 -9.69
CA ASP A 83 20.49 17.32 -10.18
C ASP A 83 21.31 16.56 -9.13
N LYS A 84 22.54 16.21 -9.51
CA LYS A 84 23.38 15.42 -8.61
C LYS A 84 23.63 16.15 -7.29
N ALA A 85 23.81 17.46 -7.35
CA ALA A 85 24.07 18.21 -6.12
C ALA A 85 22.91 18.14 -5.16
N PHE A 86 21.68 18.11 -5.68
CA PHE A 86 20.56 17.95 -4.77
C PHE A 86 20.42 16.50 -4.30
N GLN A 87 20.55 15.55 -5.23
CA GLN A 87 20.43 14.16 -4.83
C GLN A 87 21.41 13.81 -3.73
N ASP A 88 22.62 14.37 -3.79
CA ASP A 88 23.65 14.06 -2.81
C ASP A 88 23.31 14.57 -1.41
N LYS A 89 22.33 15.48 -1.27
CA LYS A 89 21.95 15.98 0.04
C LYS A 89 21.05 15.02 0.82
N LEU A 90 20.53 13.98 0.18
CA LEU A 90 19.63 13.03 0.83
C LEU A 90 20.27 11.64 0.84
N TYR A 91 19.95 10.83 1.84
CA TYR A 91 20.54 9.50 1.91
C TYR A 91 20.14 8.66 0.71
N PRO A 92 21.09 7.96 0.08
CA PRO A 92 20.76 7.13 -1.08
C PRO A 92 19.62 6.14 -0.85
N PHE A 93 19.50 5.55 0.33
CA PHE A 93 18.45 4.56 0.48
C PHE A 93 17.07 5.19 0.47
N THR A 94 16.97 6.48 0.80
CA THR A 94 15.66 7.12 0.67
C THR A 94 15.29 7.36 -0.79
N TRP A 95 16.26 7.71 -1.64
CA TRP A 95 15.97 7.79 -3.07
C TRP A 95 15.57 6.43 -3.62
N ASP A 96 16.19 5.35 -3.13
CA ASP A 96 15.83 4.02 -3.60
C ASP A 96 14.36 3.74 -3.36
N ALA A 97 13.81 4.22 -2.23
CA ALA A 97 12.41 3.94 -1.91
C ALA A 97 11.44 4.61 -2.87
N VAL A 98 11.86 5.66 -3.57
CA VAL A 98 11.01 6.41 -4.50
C VAL A 98 11.44 6.18 -5.94
N ARG A 99 12.15 5.10 -6.21
CA ARG A 99 12.47 4.69 -7.58
C ARG A 99 11.47 3.63 -8.02
N TYR A 100 10.95 3.78 -9.23
CA TYR A 100 10.00 2.81 -9.78
C TYR A 100 10.30 2.66 -11.26
N ASN A 101 10.58 1.43 -11.69
CA ASN A 101 10.92 1.14 -13.08
C ASN A 101 12.02 2.07 -13.58
N GLY A 102 13.04 2.28 -12.73
CA GLY A 102 14.22 3.03 -13.10
C GLY A 102 14.13 4.53 -12.98
N LYS A 103 12.95 5.09 -12.67
CA LYS A 103 12.80 6.54 -12.61
C LYS A 103 12.45 6.95 -11.18
N LEU A 104 12.92 8.13 -10.79
CA LEU A 104 12.49 8.71 -9.52
C LEU A 104 11.12 9.33 -9.68
N ILE A 105 10.20 8.99 -8.77
CA ILE A 105 8.81 9.40 -8.91
C ILE A 105 8.32 10.23 -7.73
N ALA A 106 9.21 10.58 -6.80
CA ALA A 106 8.84 11.41 -5.66
C ALA A 106 10.11 11.88 -4.97
N TYR A 107 9.97 12.91 -4.17
CA TYR A 107 11.03 13.35 -3.28
C TYR A 107 10.88 12.66 -1.92
N PRO A 108 11.92 12.00 -1.42
CA PRO A 108 11.83 11.45 -0.06
C PRO A 108 11.98 12.54 0.99
N ILE A 109 11.26 12.36 2.10
CA ILE A 109 11.20 13.34 3.18
C ILE A 109 11.78 12.79 4.48
N ALA A 110 11.26 11.65 4.94
CA ALA A 110 11.69 11.12 6.23
C ALA A 110 11.36 9.64 6.33
N VAL A 111 12.12 8.96 7.17
CA VAL A 111 11.99 7.54 7.40
C VAL A 111 11.20 7.32 8.68
N GLU A 112 10.16 6.50 8.60
CA GLU A 112 9.17 6.27 9.64
C GLU A 112 9.20 4.80 10.03
N ALA A 113 9.25 4.53 11.32
CA ALA A 113 8.95 3.19 11.79
C ALA A 113 8.22 3.30 13.11
N LEU A 114 7.39 2.30 13.39
CA LEU A 114 6.71 2.20 14.68
C LEU A 114 7.68 1.82 15.78
N SER A 115 7.43 2.32 16.98
CA SER A 115 8.14 1.91 18.19
C SER A 115 7.15 1.59 19.30
N LEU A 116 7.65 0.97 20.35
CA LEU A 116 6.89 0.85 21.60
C LEU A 116 7.07 2.13 22.41
N ILE A 117 5.96 2.77 22.74
CA ILE A 117 5.95 3.98 23.56
C ILE A 117 5.38 3.59 24.92
N TYR A 118 6.08 3.96 26.00
CA TYR A 118 5.65 3.50 27.30
C TYR A 118 5.71 4.63 28.32
N ASN A 119 4.87 4.52 29.33
CA ASN A 119 4.74 5.52 30.38
C ASN A 119 5.72 5.13 31.50
N LYS A 120 6.79 5.93 31.66
CA LYS A 120 7.85 5.58 32.61
C LYS A 120 7.38 5.66 34.04
N ASP A 121 6.34 6.44 34.33
CA ASP A 121 5.82 6.52 35.69
C ASP A 121 5.01 5.27 36.05
N LEU A 122 4.39 4.62 35.07
CA LEU A 122 3.63 3.39 35.32
C LEU A 122 4.48 2.15 35.15
N LEU A 123 5.46 2.23 34.27
CA LEU A 123 6.18 1.07 33.76
C LEU A 123 7.64 1.46 33.61
N PRO A 124 8.40 1.48 34.70
CA PRO A 124 9.81 1.89 34.61
C PRO A 124 10.62 1.01 33.69
N ASN A 125 10.26 -0.27 33.58
CA ASN A 125 10.96 -1.20 32.70
C ASN A 125 9.95 -1.85 31.76
N PRO A 126 9.88 -1.40 30.52
CA PRO A 126 8.90 -1.94 29.59
C PRO A 126 9.24 -3.39 29.26
N PRO A 127 8.24 -4.17 28.83
CA PRO A 127 8.48 -5.59 28.58
C PRO A 127 9.30 -5.83 27.32
N LYS A 128 10.17 -6.84 27.41
CA LYS A 128 10.97 -7.21 26.24
C LYS A 128 10.22 -8.12 25.28
N THR A 129 9.16 -8.79 25.75
CA THR A 129 8.46 -9.81 24.98
C THR A 129 6.95 -9.54 24.96
N TRP A 130 6.33 -9.91 23.84
CA TRP A 130 4.87 -9.91 23.75
C TRP A 130 4.28 -10.88 24.77
N GLU A 131 4.96 -12.00 25.01
CA GLU A 131 4.41 -13.08 25.82
C GLU A 131 4.18 -12.65 27.27
N GLU A 132 4.95 -11.69 27.77
CA GLU A 132 4.79 -11.26 29.15
C GLU A 132 3.72 -10.19 29.33
N ILE A 133 3.13 -9.70 28.25
CA ILE A 133 2.12 -8.65 28.36
C ILE A 133 0.83 -9.09 29.05
N PRO A 134 0.30 -10.31 28.84
CA PRO A 134 -0.90 -10.69 29.61
C PRO A 134 -0.70 -10.58 31.12
N ALA A 135 0.40 -11.11 31.65
CA ALA A 135 0.66 -11.02 33.08
C ALA A 135 0.84 -9.58 33.52
N LEU A 136 1.53 -8.78 32.71
CA LEU A 136 1.69 -7.36 33.02
C LEU A 136 0.33 -6.65 33.05
N ASP A 137 -0.56 -6.99 32.11
CA ASP A 137 -1.88 -6.37 32.13
C ASP A 137 -2.64 -6.73 33.40
N LYS A 138 -2.54 -8.01 33.83
CA LYS A 138 -3.19 -8.41 35.08
C LYS A 138 -2.68 -7.61 36.26
N GLU A 139 -1.36 -7.42 36.34
CA GLU A 139 -0.81 -6.57 37.39
C GLU A 139 -1.33 -5.14 37.30
N LEU A 140 -1.43 -4.62 36.07
CA LEU A 140 -1.84 -3.23 35.90
C LEU A 140 -3.35 -3.05 36.09
N LYS A 141 -4.15 -4.06 35.75
CA LYS A 141 -5.59 -3.97 35.97
C LYS A 141 -5.91 -3.89 37.46
N ALA A 142 -5.13 -4.58 38.28
CA ALA A 142 -5.29 -4.51 39.73
C ALA A 142 -5.00 -3.11 40.26
N LYS A 143 -4.35 -2.26 39.45
CA LYS A 143 -4.08 -0.87 39.79
C LYS A 143 -4.99 0.10 39.05
N GLY A 144 -6.03 -0.39 38.38
CA GLY A 144 -6.90 0.49 37.63
C GLY A 144 -6.35 0.96 36.30
N LYS A 145 -5.44 0.20 35.71
CA LYS A 145 -4.77 0.58 34.48
C LYS A 145 -4.86 -0.60 33.50
N SER A 146 -4.24 -0.44 32.33
CA SER A 146 -4.07 -1.55 31.41
C SER A 146 -2.67 -1.46 30.83
N ALA A 147 -2.20 -2.58 30.27
CA ALA A 147 -0.84 -2.64 29.74
C ALA A 147 -0.71 -1.91 28.40
N LEU A 148 -1.61 -2.16 27.45
CA LEU A 148 -1.33 -1.80 26.06
C LEU A 148 -2.59 -1.45 25.30
N MET A 149 -2.56 -0.33 24.60
CA MET A 149 -3.60 0.00 23.63
C MET A 149 -2.96 0.61 22.39
N PHE A 150 -3.36 0.11 21.22
CA PHE A 150 -2.92 0.68 19.96
C PHE A 150 -4.00 0.43 18.92
N ASN A 151 -3.88 1.14 17.80
CA ASN A 151 -4.86 1.13 16.71
C ASN A 151 -4.98 -0.25 16.09
N LEU A 152 -6.13 -0.90 16.27
CA LEU A 152 -6.38 -2.21 15.68
C LEU A 152 -7.16 -2.11 14.37
N GLN A 153 -7.40 -0.91 13.87
CA GLN A 153 -8.18 -0.74 12.64
C GLN A 153 -7.31 -0.64 11.40
N GLU A 154 -6.02 -0.40 11.56
CA GLU A 154 -5.11 -0.23 10.44
C GLU A 154 -4.03 -1.28 10.58
N PRO A 155 -3.81 -2.10 9.56
CA PRO A 155 -2.93 -3.26 9.71
C PRO A 155 -1.47 -2.88 9.84
N TYR A 156 -1.11 -1.64 9.48
CA TYR A 156 0.24 -1.14 9.74
C TYR A 156 0.68 -1.40 11.16
N PHE A 157 -0.23 -1.29 12.13
CA PHE A 157 0.14 -1.35 13.54
C PHE A 157 0.24 -2.78 14.05
N THR A 158 -0.47 -3.72 13.44
N THR A 158 -0.46 -3.71 13.42
CA THR A 158 -0.38 -5.12 13.83
CA THR A 158 -0.43 -5.12 13.79
C THR A 158 0.60 -5.92 12.98
C THR A 158 0.61 -5.90 12.98
N TRP A 159 0.97 -5.40 11.81
CA TRP A 159 1.96 -6.07 10.98
C TRP A 159 3.25 -6.42 11.69
N PRO A 160 3.84 -5.57 12.55
CA PRO A 160 5.11 -5.96 13.19
C PRO A 160 5.02 -7.30 13.92
N LEU A 161 3.87 -7.59 14.53
CA LEU A 161 3.65 -8.86 15.23
C LEU A 161 3.36 -10.02 14.26
N ILE A 162 2.56 -9.77 13.21
CA ILE A 162 2.29 -10.80 12.21
C ILE A 162 3.58 -11.25 11.53
N ALA A 163 4.48 -10.31 11.25
CA ALA A 163 5.72 -10.63 10.55
C ALA A 163 6.75 -11.32 11.44
N ALA A 164 6.63 -11.19 12.76
CA ALA A 164 7.73 -11.55 13.66
C ALA A 164 8.17 -13.00 13.52
N ASP A 165 7.21 -13.93 13.53
CA ASP A 165 7.49 -15.36 13.47
C ASP A 165 7.46 -15.89 12.04
N GLY A 166 7.36 -15.01 11.03
CA GLY A 166 7.52 -15.47 9.66
C GLY A 166 6.51 -14.99 8.63
N GLY A 167 5.50 -14.21 9.00
CA GLY A 167 4.65 -13.60 7.99
C GLY A 167 5.44 -12.63 7.13
N TYR A 168 5.03 -12.53 5.86
CA TYR A 168 5.63 -11.53 4.97
C TYR A 168 4.63 -11.18 3.88
N ALA A 169 4.85 -10.02 3.27
CA ALA A 169 3.96 -9.57 2.19
C ALA A 169 4.40 -10.24 0.90
N PHE A 170 5.48 -9.75 0.31
CA PHE A 170 6.04 -10.28 -0.92
C PHE A 170 7.48 -10.70 -0.62
N LYS A 171 7.83 -11.94 -0.97
CA LYS A 171 9.14 -12.48 -0.59
C LYS A 171 10.27 -11.71 -1.27
N TYR A 172 11.33 -11.42 -0.51
CA TYR A 172 12.50 -10.71 -1.00
C TYR A 172 13.72 -11.60 -0.88
N GLU A 173 14.36 -11.89 -2.02
CA GLU A 173 15.52 -12.79 -2.05
C GLU A 173 16.36 -12.48 -3.28
N ASN A 174 17.69 -12.54 -3.11
CA ASN A 174 18.64 -12.26 -4.21
C ASN A 174 18.41 -10.89 -4.82
N GLY A 175 18.15 -9.89 -3.98
CA GLY A 175 18.06 -8.51 -4.42
C GLY A 175 16.85 -8.16 -5.25
N LYS A 176 15.72 -8.80 -5.02
CA LYS A 176 14.52 -8.58 -5.82
C LYS A 176 13.36 -9.33 -5.21
N TYR A 177 12.16 -8.84 -5.48
CA TYR A 177 10.94 -9.44 -4.97
C TYR A 177 10.48 -10.55 -5.88
N ASP A 178 9.89 -11.57 -5.28
CA ASP A 178 9.08 -12.55 -6.00
C ASP A 178 7.64 -12.19 -5.67
N ILE A 179 6.98 -11.49 -6.60
CA ILE A 179 5.61 -11.03 -6.37
C ILE A 179 4.66 -12.22 -6.23
N LYS A 180 5.01 -13.37 -6.80
CA LYS A 180 4.12 -14.51 -6.74
C LYS A 180 4.23 -15.26 -5.41
N ASP A 181 5.17 -14.89 -4.55
CA ASP A 181 5.42 -15.56 -3.27
C ASP A 181 4.92 -14.65 -2.14
N VAL A 182 3.69 -14.92 -1.66
CA VAL A 182 3.02 -14.08 -0.66
C VAL A 182 2.97 -14.87 0.63
N GLY A 183 3.28 -14.21 1.74
CA GLY A 183 3.42 -14.91 3.02
C GLY A 183 2.43 -14.47 4.07
N VAL A 184 1.19 -14.24 3.65
CA VAL A 184 0.15 -13.76 4.56
C VAL A 184 -0.55 -14.88 5.32
N ASP A 185 -0.59 -16.11 4.80
CA ASP A 185 -1.32 -17.16 5.50
C ASP A 185 -0.43 -18.33 5.89
N ASN A 186 0.87 -18.08 6.10
CA ASN A 186 1.75 -19.13 6.56
C ASN A 186 1.67 -19.27 8.09
N ALA A 187 2.45 -20.23 8.62
CA ALA A 187 2.39 -20.54 10.05
C ALA A 187 2.80 -19.35 10.90
N GLY A 188 3.81 -18.59 10.46
CA GLY A 188 4.29 -17.47 11.25
C GLY A 188 3.28 -16.34 11.33
N ALA A 189 2.63 -16.04 10.20
CA ALA A 189 1.57 -15.03 10.22
C ALA A 189 0.44 -15.46 11.11
N LYS A 190 0.05 -16.73 11.01
CA LYS A 190 -1.01 -17.25 11.86
C LYS A 190 -0.65 -17.18 13.33
N ALA A 191 0.59 -17.52 13.68
CA ALA A 191 0.98 -17.46 15.09
C ALA A 191 0.86 -16.04 15.64
N GLY A 192 1.33 -15.05 14.88
CA GLY A 192 1.25 -13.67 15.36
C GLY A 192 -0.17 -13.15 15.44
N LEU A 193 -0.99 -13.39 14.42
CA LEU A 193 -2.36 -12.91 14.49
C LEU A 193 -3.15 -13.67 15.56
N THR A 194 -2.88 -14.97 15.74
CA THR A 194 -3.52 -15.71 16.84
C THR A 194 -3.15 -15.10 18.18
N PHE A 195 -1.90 -14.67 18.36
CA PHE A 195 -1.55 -14.02 19.63
C PHE A 195 -2.34 -12.74 19.84
N LEU A 196 -2.52 -11.94 18.77
CA LEU A 196 -3.31 -10.72 18.89
C LEU A 196 -4.75 -11.03 19.25
N VAL A 197 -5.34 -12.01 18.57
CA VAL A 197 -6.73 -12.36 18.83
C VAL A 197 -6.88 -12.88 20.25
N ASP A 198 -5.89 -13.63 20.73
CA ASP A 198 -5.93 -14.13 22.11
C ASP A 198 -5.86 -12.98 23.12
N LEU A 199 -5.09 -11.92 22.80
CA LEU A 199 -5.07 -10.77 23.69
C LEU A 199 -6.46 -10.15 23.82
N ILE A 200 -7.22 -10.15 22.72
CA ILE A 200 -8.55 -9.59 22.73
C ILE A 200 -9.52 -10.51 23.45
N LYS A 201 -9.41 -11.82 23.18
CA LYS A 201 -10.29 -12.79 23.80
C LYS A 201 -10.14 -12.78 25.32
N ASN A 202 -8.91 -12.59 25.79
CA ASN A 202 -8.60 -12.57 27.21
C ASN A 202 -8.77 -11.19 27.83
N LYS A 203 -9.37 -10.24 27.10
CA LYS A 203 -9.76 -8.91 27.55
C LYS A 203 -8.57 -8.01 27.86
N HIS A 204 -7.39 -8.34 27.32
CA HIS A 204 -6.25 -7.43 27.46
C HIS A 204 -6.30 -6.30 26.45
N MET A 205 -7.12 -6.46 25.39
CA MET A 205 -7.19 -5.50 24.31
C MET A 205 -8.64 -5.56 23.82
N ASN A 206 -9.11 -4.50 23.18
CA ASN A 206 -10.47 -4.41 22.67
C ASN A 206 -10.44 -4.27 21.15
N ALA A 207 -11.18 -5.13 20.44
CA ALA A 207 -11.14 -5.12 18.98
C ALA A 207 -11.55 -3.79 18.36
N ASP A 208 -12.29 -2.94 19.08
CA ASP A 208 -12.78 -1.68 18.54
C ASP A 208 -11.79 -0.53 18.72
N THR A 209 -10.68 -0.75 19.41
CA THR A 209 -9.72 0.34 19.63
C THR A 209 -9.16 0.83 18.31
N ASP A 210 -9.23 2.15 18.11
CA ASP A 210 -8.69 2.79 16.92
C ASP A 210 -7.59 3.78 17.30
N TYR A 211 -7.16 4.58 16.32
CA TYR A 211 -6.06 5.51 16.57
C TYR A 211 -6.41 6.49 17.67
N SER A 212 -7.60 7.11 17.59
N SER A 212 -7.59 7.11 17.58
CA SER A 212 -7.93 8.16 18.55
CA SER A 212 -7.97 8.15 18.53
C SER A 212 -8.13 7.59 19.95
C SER A 212 -8.13 7.59 19.93
N ILE A 213 -8.78 6.43 20.06
CA ILE A 213 -9.01 5.83 21.36
C ILE A 213 -7.69 5.44 22.03
N ALA A 214 -6.76 4.85 21.28
CA ALA A 214 -5.50 4.46 21.90
C ALA A 214 -4.70 5.68 22.32
N GLU A 215 -4.65 6.70 21.46
CA GLU A 215 -3.90 7.90 21.77
C GLU A 215 -4.46 8.59 23.01
N ALA A 216 -5.78 8.69 23.12
CA ALA A 216 -6.38 9.32 24.28
C ALA A 216 -6.04 8.57 25.56
N ALA A 217 -6.17 7.24 25.54
CA ALA A 217 -5.90 6.43 26.72
C ALA A 217 -4.45 6.55 27.17
N PHE A 218 -3.50 6.54 26.23
CA PHE A 218 -2.11 6.69 26.63
C PHE A 218 -1.83 8.10 27.14
N ASN A 219 -2.33 9.11 26.44
CA ASN A 219 -1.97 10.47 26.79
C ASN A 219 -2.68 10.93 28.06
N LYS A 220 -3.76 10.26 28.48
CA LYS A 220 -4.32 10.49 29.81
C LYS A 220 -3.79 9.55 30.88
N GLY A 221 -2.81 8.70 30.56
CA GLY A 221 -2.22 7.87 31.59
C GLY A 221 -3.04 6.67 32.00
N GLU A 222 -4.00 6.25 31.17
N GLU A 222 -4.02 6.25 31.20
CA GLU A 222 -4.89 5.13 31.47
CA GLU A 222 -4.80 5.08 31.59
C GLU A 222 -4.33 3.78 31.00
C GLU A 222 -4.12 3.78 31.17
N THR A 223 -3.38 3.79 30.08
CA THR A 223 -2.71 2.59 29.60
C THR A 223 -1.20 2.83 29.59
N ALA A 224 -0.46 1.78 29.95
CA ALA A 224 0.98 1.94 30.16
C ALA A 224 1.79 1.98 28.87
N MET A 225 1.24 1.49 27.75
CA MET A 225 2.01 1.42 26.51
C MET A 225 1.12 1.66 25.31
N THR A 226 1.72 2.16 24.24
CA THR A 226 1.06 2.22 22.95
C THR A 226 2.10 1.90 21.88
N ILE A 227 1.65 1.73 20.64
CA ILE A 227 2.51 1.51 19.49
C ILE A 227 2.20 2.63 18.51
N ASN A 228 3.21 3.42 18.16
CA ASN A 228 2.94 4.52 17.26
C ASN A 228 4.26 5.01 16.67
N GLY A 229 4.14 5.96 15.75
CA GLY A 229 5.28 6.50 15.05
C GLY A 229 5.64 7.89 15.54
N PRO A 230 6.66 8.51 14.92
CA PRO A 230 7.18 9.81 15.44
C PRO A 230 6.16 10.94 15.41
N TRP A 231 5.23 10.94 14.44
CA TRP A 231 4.22 11.99 14.38
C TRP A 231 3.41 12.10 15.67
N ALA A 232 3.35 11.03 16.44
CA ALA A 232 2.53 10.99 17.65
C ALA A 232 3.19 11.65 18.84
N TRP A 233 4.50 11.91 18.78
CA TRP A 233 5.20 12.35 19.99
C TRP A 233 4.79 13.75 20.40
N SER A 234 4.37 14.58 19.44
N SER A 234 4.37 14.58 19.44
CA SER A 234 3.97 15.94 19.76
CA SER A 234 3.97 15.95 19.75
C SER A 234 2.81 15.97 20.76
C SER A 234 2.81 15.97 20.75
N ASN A 235 1.79 15.16 20.50
CA ASN A 235 0.63 15.16 21.41
C ASN A 235 0.99 14.56 22.75
N ILE A 236 1.92 13.59 22.80
CA ILE A 236 2.33 13.07 24.10
C ILE A 236 3.13 14.13 24.86
N ASP A 237 3.97 14.88 24.15
CA ASP A 237 4.66 16.02 24.77
C ASP A 237 3.66 16.94 25.46
N THR A 238 2.58 17.28 24.76
CA THR A 238 1.58 18.20 25.31
C THR A 238 0.88 17.62 26.53
N SER A 239 0.68 16.29 26.57
CA SER A 239 0.00 15.64 27.70
C SER A 239 0.84 15.61 28.97
N LYS A 240 2.15 15.82 28.84
CA LYS A 240 3.13 15.76 29.91
C LYS A 240 3.22 14.39 30.57
N VAL A 241 2.75 13.35 29.90
CA VAL A 241 3.10 12.00 30.32
C VAL A 241 4.62 11.85 30.23
N ASN A 242 5.21 11.20 31.23
CA ASN A 242 6.63 10.89 31.25
C ASN A 242 6.85 9.63 30.42
N TYR A 243 7.14 9.80 29.14
CA TYR A 243 7.17 8.67 28.21
C TYR A 243 8.57 8.36 27.71
N GLY A 244 8.75 7.11 27.30
CA GLY A 244 9.95 6.69 26.62
C GLY A 244 9.59 5.95 25.35
N VAL A 245 10.54 5.88 24.42
CA VAL A 245 10.36 5.26 23.12
C VAL A 245 11.43 4.19 22.98
N THR A 246 11.00 2.96 22.69
CA THR A 246 11.95 1.85 22.79
C THR A 246 11.62 0.77 21.77
N VAL A 247 12.42 -0.31 21.81
CA VAL A 247 12.29 -1.39 20.86
C VAL A 247 10.99 -2.14 21.10
N LEU A 248 10.33 -2.53 20.01
CA LEU A 248 9.11 -3.29 20.11
C LEU A 248 9.38 -4.63 20.80
N PRO A 249 8.38 -5.24 21.42
CA PRO A 249 8.61 -6.52 22.09
C PRO A 249 8.89 -7.63 21.09
N THR A 250 9.65 -8.64 21.53
CA THR A 250 9.84 -9.81 20.68
C THR A 250 8.64 -10.74 20.76
N PHE A 251 8.50 -11.58 19.73
CA PHE A 251 7.50 -12.63 19.70
C PHE A 251 8.16 -13.94 19.33
N LYS A 252 7.93 -14.98 20.14
CA LYS A 252 8.58 -16.28 19.98
C LYS A 252 10.09 -16.09 19.81
N GLY A 253 10.63 -15.15 20.59
CA GLY A 253 12.07 -14.90 20.62
C GLY A 253 12.62 -14.09 19.47
N GLN A 254 11.77 -13.63 18.55
CA GLN A 254 12.18 -12.94 17.34
C GLN A 254 11.72 -11.49 17.37
N PRO A 255 12.44 -10.58 16.74
CA PRO A 255 12.03 -9.16 16.75
C PRO A 255 10.69 -8.97 16.06
N SER A 256 9.90 -8.04 16.58
CA SER A 256 8.80 -7.51 15.80
C SER A 256 9.39 -6.77 14.62
N LYS A 257 8.74 -6.88 13.46
CA LYS A 257 9.29 -6.41 12.18
C LYS A 257 8.37 -5.36 11.57
N PRO A 258 8.51 -4.10 11.97
CA PRO A 258 7.64 -3.07 11.41
C PRO A 258 7.94 -2.82 9.94
N PHE A 259 6.90 -2.55 9.18
CA PHE A 259 7.08 -2.13 7.79
C PHE A 259 7.52 -0.68 7.80
N VAL A 260 8.65 -0.39 7.19
CA VAL A 260 9.28 0.92 7.28
C VAL A 260 8.80 1.77 6.11
N GLY A 261 8.36 2.98 6.38
CA GLY A 261 7.85 3.87 5.33
C GLY A 261 8.76 5.07 5.17
N VAL A 262 8.92 5.52 3.92
CA VAL A 262 9.59 6.78 3.64
C VAL A 262 8.51 7.77 3.23
N LEU A 263 8.17 8.70 4.13
CA LEU A 263 7.27 9.77 3.76
C LEU A 263 7.86 10.49 2.56
N SER A 264 7.05 10.66 1.51
CA SER A 264 7.53 11.11 0.21
C SER A 264 6.53 12.09 -0.39
N ALA A 265 7.00 12.94 -1.31
CA ALA A 265 6.19 14.00 -1.91
C ALA A 265 6.26 13.82 -3.41
N GLY A 266 5.14 13.49 -4.03
CA GLY A 266 5.06 13.28 -5.46
C GLY A 266 4.39 14.47 -6.12
N ILE A 267 4.69 14.69 -7.40
CA ILE A 267 4.10 15.78 -8.17
C ILE A 267 3.09 15.18 -9.14
N ASN A 268 1.87 15.72 -9.14
CA ASN A 268 0.80 15.24 -10.02
C ASN A 268 1.21 15.41 -11.50
N ALA A 269 1.09 14.33 -12.26
CA ALA A 269 1.43 14.39 -13.68
C ALA A 269 0.56 15.41 -14.42
N ALA A 270 -0.65 15.67 -13.93
CA ALA A 270 -1.54 16.65 -14.54
C ALA A 270 -1.33 18.09 -14.04
N SER A 271 -0.38 18.33 -13.16
CA SER A 271 -0.19 19.67 -12.63
C SER A 271 0.41 20.58 -13.70
N PRO A 272 -0.16 21.76 -13.92
CA PRO A 272 0.53 22.78 -14.73
C PRO A 272 1.55 23.59 -13.95
N ASN A 273 1.87 23.17 -12.73
CA ASN A 273 2.73 23.92 -11.83
C ASN A 273 3.96 23.11 -11.43
N LYS A 274 4.45 22.25 -12.33
CA LYS A 274 5.51 21.33 -11.94
C LYS A 274 6.79 22.08 -11.56
N GLU A 275 7.10 23.19 -12.24
CA GLU A 275 8.33 23.90 -11.88
C GLU A 275 8.19 24.56 -10.52
N LEU A 276 7.03 25.12 -10.22
CA LEU A 276 6.80 25.68 -8.89
C LEU A 276 6.90 24.59 -7.84
N ALA A 277 6.30 23.43 -8.12
CA ALA A 277 6.29 22.34 -7.14
C ALA A 277 7.71 21.86 -6.84
N LYS A 278 8.52 21.68 -7.90
CA LYS A 278 9.91 21.30 -7.73
C LYS A 278 10.68 22.37 -6.95
N GLU A 279 10.45 23.65 -7.25
CA GLU A 279 11.10 24.70 -6.50
C GLU A 279 10.71 24.64 -5.03
N PHE A 280 9.42 24.50 -4.75
CA PHE A 280 8.96 24.43 -3.36
C PHE A 280 9.60 23.26 -2.63
N LEU A 281 9.57 22.07 -3.23
CA LEU A 281 10.05 20.88 -2.56
C LEU A 281 11.56 20.92 -2.37
N GLU A 282 12.31 21.32 -3.40
CA GLU A 282 13.77 21.28 -3.32
C GLU A 282 14.35 22.44 -2.51
N ASN A 283 13.84 23.66 -2.72
CA ASN A 283 14.50 24.83 -2.14
C ASN A 283 13.76 25.46 -0.97
N TYR A 284 12.59 24.94 -0.60
CA TYR A 284 11.91 25.39 0.62
C TYR A 284 11.71 24.27 1.61
N LEU A 285 11.11 23.15 1.19
CA LEU A 285 10.81 22.10 2.17
C LEU A 285 12.04 21.31 2.56
N LEU A 286 12.78 20.79 1.57
CA LEU A 286 13.91 19.90 1.82
C LEU A 286 15.17 20.71 2.13
N THR A 287 15.04 21.57 3.14
CA THR A 287 16.12 22.37 3.70
C THR A 287 16.08 22.20 5.20
N ASP A 288 17.16 22.58 5.87
CA ASP A 288 17.17 22.51 7.33
C ASP A 288 16.00 23.30 7.92
N GLU A 289 15.74 24.50 7.40
CA GLU A 289 14.68 25.32 7.98
C GLU A 289 13.29 24.79 7.61
N GLY A 290 13.12 24.24 6.41
CA GLY A 290 11.81 23.74 6.02
C GLY A 290 11.41 22.50 6.80
N LEU A 291 12.34 21.53 6.92
CA LEU A 291 12.04 20.34 7.70
C LEU A 291 11.90 20.68 9.18
N GLU A 292 12.65 21.66 9.68
CA GLU A 292 12.46 22.06 11.07
C GLU A 292 11.04 22.52 11.31
N ALA A 293 10.49 23.32 10.39
CA ALA A 293 9.14 23.83 10.57
C ALA A 293 8.13 22.70 10.62
N VAL A 294 8.27 21.69 9.77
CA VAL A 294 7.32 20.57 9.82
C VAL A 294 7.56 19.73 11.07
N ASN A 295 8.84 19.43 11.35
CA ASN A 295 9.19 18.58 12.48
C ASN A 295 8.74 19.18 13.81
N LYS A 296 8.75 20.52 13.94
CA LYS A 296 8.34 21.16 15.19
C LYS A 296 6.83 21.05 15.41
N ASP A 297 6.06 20.93 14.32
CA ASP A 297 4.64 20.65 14.41
C ASP A 297 4.38 19.20 14.80
N LYS A 298 4.79 18.25 13.96
CA LYS A 298 4.69 16.82 14.28
C LYS A 298 5.99 16.16 13.85
N PRO A 299 6.72 15.47 14.75
CA PRO A 299 8.02 14.92 14.34
C PRO A 299 7.94 14.02 13.11
N LEU A 300 8.94 14.17 12.26
CA LEU A 300 9.04 13.45 10.98
C LEU A 300 9.68 12.08 11.14
N GLY A 301 10.50 11.90 12.16
CA GLY A 301 11.29 10.70 12.26
C GLY A 301 12.74 10.99 11.89
N ALA A 302 13.33 10.11 11.10
CA ALA A 302 14.71 10.28 10.66
C ALA A 302 14.66 10.91 9.27
N VAL A 303 14.94 12.21 9.20
CA VAL A 303 14.69 12.90 7.94
C VAL A 303 15.70 12.44 6.90
N ALA A 304 15.31 12.58 5.63
CA ALA A 304 16.14 12.13 4.53
C ALA A 304 17.28 13.09 4.23
N LEU A 305 17.20 14.34 4.68
CA LEU A 305 18.22 15.34 4.46
C LEU A 305 19.39 15.10 5.42
N LYS A 306 20.57 14.78 4.87
CA LYS A 306 21.71 14.43 5.71
C LYS A 306 21.99 15.52 6.75
N SER A 307 22.03 16.78 6.33
CA SER A 307 22.41 17.84 7.26
C SER A 307 21.49 17.89 8.47
N TYR A 308 20.16 17.84 8.25
CA TYR A 308 19.24 17.96 9.38
C TYR A 308 19.12 16.65 10.15
N GLU A 309 19.24 15.51 9.45
CA GLU A 309 19.26 14.22 10.14
C GLU A 309 20.38 14.17 11.17
N GLU A 310 21.59 14.65 10.82
CA GLU A 310 22.67 14.65 11.81
C GLU A 310 22.35 15.54 12.99
N GLU A 311 21.70 16.68 12.74
CA GLU A 311 21.37 17.61 13.80
C GLU A 311 20.46 16.97 14.85
N LEU A 312 19.52 16.12 14.42
CA LEU A 312 18.55 15.50 15.30
C LEU A 312 18.94 14.10 15.77
N ALA A 313 20.05 13.55 15.24
CA ALA A 313 20.32 12.12 15.40
C ALA A 313 20.50 11.69 16.85
N LYS A 314 20.87 12.63 17.74
CA LYS A 314 21.13 12.31 19.14
C LYS A 314 19.86 12.09 19.95
N ASP A 315 18.68 12.39 19.39
CA ASP A 315 17.41 12.21 20.08
C ASP A 315 17.18 10.73 20.34
N PRO A 316 17.09 10.31 21.60
CA PRO A 316 16.87 8.89 21.90
C PRO A 316 15.63 8.31 21.24
N ARG A 317 14.62 9.14 20.98
CA ARG A 317 13.40 8.64 20.35
C ARG A 317 13.66 8.32 18.87
N ILE A 318 14.53 9.11 18.23
CA ILE A 318 14.87 8.82 16.84
C ILE A 318 15.76 7.59 16.76
N ALA A 319 16.69 7.46 17.71
CA ALA A 319 17.54 6.26 17.74
C ALA A 319 16.70 5.00 17.87
N ALA A 320 15.66 5.04 18.73
CA ALA A 320 14.76 3.89 18.89
C ALA A 320 13.97 3.63 17.62
N THR A 321 13.54 4.70 16.94
CA THR A 321 12.85 4.57 15.67
C THR A 321 13.71 3.80 14.68
N MET A 322 14.99 4.14 14.62
CA MET A 322 15.87 3.51 13.65
C MET A 322 16.28 2.11 14.09
N GLU A 323 16.33 1.85 15.40
CA GLU A 323 16.52 0.49 15.87
C GLU A 323 15.38 -0.42 15.44
N ASN A 324 14.14 0.03 15.63
CA ASN A 324 13.02 -0.75 15.15
C ASN A 324 13.02 -0.87 13.63
N ALA A 325 13.38 0.22 12.94
CA ALA A 325 13.43 0.15 11.48
C ALA A 325 14.41 -0.93 11.01
N GLN A 326 15.58 -1.01 11.65
CA GLN A 326 16.60 -1.98 11.22
C GLN A 326 16.12 -3.41 11.41
N LYS A 327 15.23 -3.65 12.37
CA LYS A 327 14.66 -4.96 12.59
C LYS A 327 13.50 -5.27 11.65
N GLY A 328 12.95 -4.27 10.98
CA GLY A 328 11.88 -4.46 10.03
C GLY A 328 12.38 -4.42 8.60
N GLU A 329 11.46 -4.10 7.70
CA GLU A 329 11.79 -4.10 6.28
C GLU A 329 11.16 -2.89 5.62
N ILE A 330 11.90 -2.29 4.69
CA ILE A 330 11.34 -1.21 3.89
CA ILE A 330 11.34 -1.22 3.88
C ILE A 330 10.18 -1.77 3.07
N MET A 331 9.06 -1.03 3.02
CA MET A 331 7.96 -1.61 2.29
C MET A 331 8.25 -1.61 0.80
N PRO A 332 7.75 -2.61 0.09
CA PRO A 332 7.74 -2.57 -1.38
C PRO A 332 6.93 -1.38 -1.85
N ASN A 333 7.20 -0.91 -3.08
CA ASN A 333 6.33 0.06 -3.73
C ASN A 333 5.61 -0.50 -4.94
N ILE A 334 5.55 -1.82 -5.08
CA ILE A 334 4.90 -2.45 -6.23
C ILE A 334 3.42 -2.08 -6.26
N PRO A 335 2.80 -2.05 -7.45
CA PRO A 335 1.41 -1.59 -7.53
C PRO A 335 0.41 -2.41 -6.73
N GLN A 336 0.71 -3.66 -6.41
N GLN A 336 0.71 -3.65 -6.39
CA GLN A 336 -0.23 -4.47 -5.64
CA GLN A 336 -0.27 -4.45 -5.66
C GLN A 336 -0.13 -4.25 -4.14
C GLN A 336 -0.24 -4.18 -4.16
N MET A 337 0.55 -3.19 -3.71
CA MET A 337 0.67 -2.94 -2.28
C MET A 337 -0.67 -2.50 -1.71
N SER A 338 -1.43 -1.70 -2.49
N SER A 338 -1.44 -1.73 -2.48
CA SER A 338 -2.76 -1.27 -2.07
CA SER A 338 -2.74 -1.28 -1.99
C SER A 338 -3.66 -2.48 -1.81
C SER A 338 -3.70 -2.46 -1.82
N ALA A 339 -3.64 -3.45 -2.71
CA ALA A 339 -4.47 -4.63 -2.55
C ALA A 339 -4.04 -5.46 -1.35
N PHE A 340 -2.73 -5.60 -1.15
CA PHE A 340 -2.20 -6.26 0.04
C PHE A 340 -2.74 -5.60 1.31
N TRP A 341 -2.65 -4.27 1.39
CA TRP A 341 -3.09 -3.59 2.61
C TRP A 341 -4.58 -3.73 2.81
N TYR A 342 -5.36 -3.65 1.73
CA TYR A 342 -6.80 -3.81 1.88
C TYR A 342 -7.15 -5.22 2.37
N ALA A 343 -6.46 -6.23 1.85
CA ALA A 343 -6.75 -7.60 2.24
C ALA A 343 -6.40 -7.84 3.69
N VAL A 344 -5.23 -7.35 4.13
CA VAL A 344 -4.80 -7.63 5.49
C VAL A 344 -5.59 -6.77 6.49
N ARG A 345 -6.00 -5.56 6.08
CA ARG A 345 -6.84 -4.74 6.96
C ARG A 345 -8.12 -5.49 7.31
N THR A 346 -8.78 -6.05 6.29
CA THR A 346 -10.01 -6.81 6.53
C THR A 346 -9.76 -8.05 7.36
N ALA A 347 -8.65 -8.75 7.12
CA ALA A 347 -8.35 -9.96 7.86
C ALA A 347 -8.16 -9.66 9.35
N VAL A 348 -7.41 -8.60 9.67
CA VAL A 348 -7.17 -8.30 11.08
C VAL A 348 -8.47 -7.89 11.76
N ILE A 349 -9.25 -7.00 11.12
CA ILE A 349 -10.52 -6.59 11.70
C ILE A 349 -11.45 -7.78 11.89
N ASN A 350 -11.55 -8.66 10.90
CA ASN A 350 -12.46 -9.80 11.02
C ASN A 350 -11.98 -10.81 12.06
N ALA A 351 -10.67 -11.06 12.14
CA ALA A 351 -10.20 -12.00 13.17
C ALA A 351 -10.39 -11.39 14.55
N ALA A 352 -10.14 -10.10 14.69
CA ALA A 352 -10.24 -9.45 16.00
C ALA A 352 -11.69 -9.39 16.47
N SER A 353 -12.64 -9.24 15.56
CA SER A 353 -14.05 -9.17 15.94
C SER A 353 -14.70 -10.53 16.06
N GLY A 354 -14.05 -11.58 15.58
CA GLY A 354 -14.65 -12.90 15.55
C GLY A 354 -15.50 -13.20 14.34
N ARG A 355 -15.64 -12.25 13.41
CA ARG A 355 -16.37 -12.48 12.17
C ARG A 355 -15.78 -13.65 11.38
N GLN A 356 -14.46 -13.79 11.40
CA GLN A 356 -13.76 -14.92 10.81
C GLN A 356 -12.75 -15.47 11.82
N THR A 357 -12.43 -16.75 11.68
CA THR A 357 -11.31 -17.30 12.41
C THR A 357 -9.99 -16.79 11.81
N VAL A 358 -8.90 -16.99 12.54
CA VAL A 358 -7.59 -16.59 12.03
C VAL A 358 -7.30 -17.30 10.72
N ASP A 359 -7.56 -18.61 10.65
CA ASP A 359 -7.32 -19.37 9.43
C ASP A 359 -8.14 -18.84 8.27
N GLU A 360 -9.45 -18.61 8.49
CA GLU A 360 -10.32 -18.08 7.44
C GLU A 360 -9.86 -16.70 6.99
N ALA A 361 -9.55 -15.83 7.97
CA ALA A 361 -9.24 -14.45 7.66
C ALA A 361 -7.96 -14.35 6.84
N LEU A 362 -6.91 -15.07 7.26
CA LEU A 362 -5.65 -15.00 6.54
C LEU A 362 -5.73 -15.69 5.17
N LYS A 363 -6.54 -16.75 5.04
CA LYS A 363 -6.72 -17.38 3.74
C LYS A 363 -7.31 -16.38 2.75
N ASP A 364 -8.34 -15.63 3.17
CA ASP A 364 -8.91 -14.62 2.28
C ASP A 364 -7.91 -13.54 1.96
N ALA A 365 -7.08 -13.15 2.95
CA ALA A 365 -6.11 -12.11 2.69
C ALA A 365 -5.02 -12.59 1.73
N GLN A 366 -4.65 -13.86 1.82
CA GLN A 366 -3.70 -14.44 0.84
C GLN A 366 -4.28 -14.40 -0.56
N THR A 367 -5.53 -14.84 -0.73
CA THR A 367 -6.18 -14.78 -2.04
C THR A 367 -6.24 -13.35 -2.59
N GLY A 368 -6.62 -12.40 -1.75
CA GLY A 368 -6.70 -11.02 -2.21
C GLY A 368 -5.35 -10.48 -2.64
N SER A 369 -4.30 -10.78 -1.88
CA SER A 369 -2.97 -10.27 -2.19
C SER A 369 -2.42 -10.89 -3.47
N GLU A 370 -2.73 -12.16 -3.73
CA GLU A 370 -2.25 -12.86 -4.93
C GLU A 370 -3.08 -12.59 -6.17
N LEU A 371 -4.22 -11.92 -6.03
CA LEU A 371 -5.23 -11.93 -7.10
C LEU A 371 -4.71 -11.32 -8.40
N TYR A 372 -4.02 -10.18 -8.32
CA TYR A 372 -3.59 -9.55 -9.56
C TYR A 372 -2.63 -10.45 -10.33
N ARG A 373 -1.58 -10.90 -9.67
CA ARG A 373 -0.54 -11.64 -10.37
C ARG A 373 -1.07 -12.98 -10.86
N GLN A 374 -1.94 -13.64 -10.09
CA GLN A 374 -2.48 -14.91 -10.55
C GLN A 374 -3.41 -14.71 -11.74
N SER A 375 -4.22 -13.66 -11.70
CA SER A 375 -5.09 -13.34 -12.83
C SER A 375 -4.29 -13.00 -14.07
N LEU A 376 -3.23 -12.21 -13.91
CA LEU A 376 -2.41 -11.87 -15.07
C LEU A 376 -1.75 -13.11 -15.65
N GLU A 377 -1.26 -14.01 -14.80
CA GLU A 377 -0.63 -15.22 -15.31
C GLU A 377 -1.57 -15.97 -16.25
N ILE A 378 -2.81 -16.18 -15.80
CA ILE A 378 -3.82 -16.92 -16.56
C ILE A 378 -4.17 -16.16 -17.84
N ILE A 379 -4.46 -14.87 -17.70
CA ILE A 379 -4.96 -14.09 -18.84
C ILE A 379 -3.88 -13.89 -19.88
N SER A 380 -2.65 -13.55 -19.45
CA SER A 380 -1.55 -13.38 -20.39
C SER A 380 -1.28 -14.68 -21.13
N ARG A 381 -1.18 -15.80 -20.40
CA ARG A 381 -0.95 -17.07 -21.08
C ARG A 381 -2.04 -17.40 -22.09
N TYR A 382 -3.32 -17.22 -21.73
CA TYR A 382 -4.37 -17.58 -22.67
C TYR A 382 -4.29 -16.72 -23.92
N LEU A 383 -4.15 -15.40 -23.73
CA LEU A 383 -4.10 -14.50 -24.89
C LEU A 383 -2.94 -14.85 -25.81
N ARG A 384 -1.77 -15.09 -25.23
CA ARG A 384 -0.56 -15.32 -26.04
C ARG A 384 -0.64 -16.65 -26.77
N GLU A 385 -1.13 -17.71 -26.11
CA GLU A 385 -1.21 -19.00 -26.80
C GLU A 385 -2.31 -19.00 -27.85
N GLN A 386 -3.38 -18.23 -27.63
CA GLN A 386 -4.42 -18.11 -28.64
C GLN A 386 -3.89 -17.39 -29.88
N ALA A 387 -3.08 -16.35 -29.67
CA ALA A 387 -2.60 -15.56 -30.79
C ALA A 387 -1.54 -16.30 -31.58
N THR A 388 -0.68 -17.05 -30.91
CA THR A 388 0.47 -17.68 -31.58
C THR A 388 0.22 -19.13 -31.94
N GLY A 389 -0.78 -19.78 -31.33
CA GLY A 389 -1.02 -21.18 -31.56
C GLY A 389 -0.18 -22.13 -30.72
N ALA A 390 0.73 -21.61 -29.90
CA ALA A 390 1.62 -22.44 -29.11
C ALA A 390 1.61 -21.94 -27.67
N ALA A 391 1.66 -22.88 -26.73
CA ALA A 391 1.58 -22.52 -25.31
C ALA A 391 2.93 -22.06 -24.78
N ASP A 392 2.87 -21.39 -23.63
CA ASP A 392 4.06 -20.93 -22.94
C ASP A 392 4.67 -22.09 -22.17
N THR A 393 5.95 -22.37 -22.42
CA THR A 393 6.64 -23.46 -21.75
C THR A 393 7.14 -23.10 -20.34
N ALA A 394 7.09 -21.84 -19.95
CA ALA A 394 7.62 -21.44 -18.65
C ALA A 394 6.83 -22.09 -17.52
N PRO A 395 7.49 -22.52 -16.45
CA PRO A 395 6.76 -23.06 -15.29
C PRO A 395 5.77 -22.06 -14.71
N MET A 396 4.66 -22.58 -14.19
CA MET A 396 3.62 -21.73 -13.62
C MET A 396 4.03 -21.11 -12.30
N GLY A 397 5.01 -21.69 -11.61
CA GLY A 397 5.42 -21.16 -10.32
C GLY A 397 4.39 -21.42 -9.23
N ALA A 398 4.32 -20.49 -8.28
CA ALA A 398 3.42 -20.62 -7.13
C ALA A 398 1.98 -20.77 -7.57
N SER A 399 1.23 -21.58 -6.81
CA SER A 399 -0.15 -21.92 -7.14
C SER A 399 -0.27 -22.35 -8.60
N GLY A 400 0.76 -23.06 -9.07
CA GLY A 400 0.80 -23.47 -10.46
C GLY A 400 -0.29 -24.44 -10.83
N ALA A 401 -0.82 -25.17 -9.84
CA ALA A 401 -1.99 -26.02 -10.11
C ALA A 401 -3.21 -25.16 -10.36
N THR A 402 -3.39 -24.09 -9.58
CA THR A 402 -4.54 -23.21 -9.78
C THR A 402 -4.48 -22.57 -11.16
N SER A 403 -3.33 -22.02 -11.52
CA SER A 403 -3.16 -21.38 -12.82
C SER A 403 -3.34 -22.38 -13.96
N ARG A 404 -2.73 -23.55 -13.83
CA ARG A 404 -2.86 -24.56 -14.88
C ARG A 404 -4.31 -24.97 -15.04
N LYS A 405 -5.01 -25.17 -13.92
CA LYS A 405 -6.38 -25.65 -13.99
C LYS A 405 -7.32 -24.54 -14.47
N ALA A 406 -7.06 -23.30 -14.07
CA ALA A 406 -7.89 -22.21 -14.56
C ALA A 406 -7.67 -22.00 -16.06
N LEU A 407 -6.41 -22.05 -16.50
CA LEU A 407 -6.11 -21.95 -17.93
C LEU A 407 -6.75 -23.10 -18.69
N GLU A 408 -6.73 -24.30 -18.11
CA GLU A 408 -7.37 -25.44 -18.77
C GLU A 408 -8.88 -25.25 -18.88
N THR A 409 -9.51 -24.73 -17.82
CA THR A 409 -10.94 -24.44 -17.87
C THR A 409 -11.22 -23.35 -18.87
N LEU A 410 -10.39 -22.30 -18.84
CA LEU A 410 -10.56 -21.19 -19.76
C LEU A 410 -10.40 -21.65 -21.22
N ARG A 411 -9.46 -22.56 -21.49
CA ARG A 411 -9.33 -23.10 -22.83
C ARG A 411 -10.64 -23.71 -23.29
N ARG A 412 -11.32 -24.43 -22.40
CA ARG A 412 -12.57 -25.08 -22.78
C ARG A 412 -13.66 -24.04 -22.98
N VAL A 413 -13.90 -23.18 -21.99
CA VAL A 413 -15.07 -22.32 -22.05
C VAL A 413 -14.80 -21.09 -22.92
N GLY A 414 -13.56 -20.61 -22.96
CA GLY A 414 -13.26 -19.42 -23.75
C GLY A 414 -13.21 -19.70 -25.23
N ASP A 415 -12.76 -20.91 -25.62
CA ASP A 415 -12.81 -21.26 -27.03
C ASP A 415 -14.24 -21.39 -27.52
N GLY A 416 -15.14 -21.89 -26.67
CA GLY A 416 -16.55 -21.94 -27.04
C GLY A 416 -17.17 -20.58 -27.18
N VAL A 417 -16.82 -19.64 -26.28
CA VAL A 417 -17.37 -18.30 -26.41
C VAL A 417 -16.90 -17.67 -27.71
N GLN A 418 -15.62 -17.82 -28.04
CA GLN A 418 -15.11 -17.20 -29.28
C GLN A 418 -15.76 -17.82 -30.50
N ARG A 419 -16.07 -19.12 -30.44
N ARG A 419 -16.13 -19.10 -30.41
CA ARG A 419 -16.78 -19.77 -31.54
CA ARG A 419 -16.77 -19.78 -31.54
C ARG A 419 -18.20 -19.23 -31.68
C ARG A 419 -18.21 -19.32 -31.69
N ASN A 420 -18.98 -19.35 -30.59
CA ASN A 420 -20.38 -18.98 -30.64
C ASN A 420 -20.60 -17.48 -30.86
N HIS A 421 -19.69 -16.64 -30.38
CA HIS A 421 -19.87 -15.20 -30.45
C HIS A 421 -18.96 -14.54 -31.47
N GLU A 422 -18.54 -15.29 -32.49
CA GLU A 422 -17.69 -14.70 -33.52
C GLU A 422 -18.34 -13.46 -34.13
N THR A 423 -19.67 -13.48 -34.30
CA THR A 423 -20.39 -12.36 -34.88
C THR A 423 -20.18 -11.07 -34.08
N ALA A 424 -20.53 -11.08 -32.79
CA ALA A 424 -20.40 -9.87 -31.99
C ALA A 424 -18.94 -9.48 -31.80
N PHE A 425 -18.04 -10.48 -31.72
CA PHE A 425 -16.63 -10.16 -31.50
C PHE A 425 -16.05 -9.46 -32.73
N GLN A 426 -16.40 -9.94 -33.92
CA GLN A 426 -15.98 -9.25 -35.13
C GLN A 426 -16.55 -7.83 -35.16
N GLY A 427 -17.84 -7.69 -34.86
CA GLY A 427 -18.43 -6.35 -34.87
C GLY A 427 -17.78 -5.41 -33.88
N MET A 428 -17.48 -5.90 -32.68
CA MET A 428 -16.85 -5.04 -31.68
C MET A 428 -15.42 -4.70 -32.08
N LEU A 429 -14.72 -5.65 -32.72
CA LEU A 429 -13.36 -5.41 -33.18
C LEU A 429 -13.30 -4.39 -34.31
N ARG A 430 -14.41 -4.16 -35.01
CA ARG A 430 -14.46 -3.07 -35.99
C ARG A 430 -14.68 -1.72 -35.32
N LYS A 431 -15.71 -1.60 -34.48
CA LYS A 431 -16.01 -0.34 -33.81
C LYS A 431 -14.80 0.18 -33.07
N LEU A 432 -14.18 -0.65 -32.23
CA LEU A 432 -12.83 -0.37 -31.79
C LEU A 432 -11.93 -0.50 -33.00
N ASP A 433 -11.06 0.48 -33.23
CA ASP A 433 -10.16 0.39 -34.38
C ASP A 433 -8.76 0.28 -33.79
N ILE A 434 -8.40 -0.93 -33.38
CA ILE A 434 -7.16 -1.17 -32.65
C ILE A 434 -6.05 -1.43 -33.67
N LYS A 435 -5.11 -0.48 -33.76
CA LYS A 435 -4.02 -0.52 -34.72
C LYS A 435 -2.64 -0.50 -34.10
N ASN A 436 -2.50 0.02 -32.89
CA ASN A 436 -1.18 0.27 -32.31
C ASN A 436 -1.26 0.21 -30.79
N GLU A 437 -0.11 0.42 -30.15
CA GLU A 437 -0.03 0.42 -28.69
C GLU A 437 -0.90 1.51 -28.09
N ASP A 438 -1.07 2.63 -28.80
CA ASP A 438 -1.86 3.73 -28.27
C ASP A 438 -3.34 3.39 -28.26
N ASP A 439 -3.81 2.67 -29.27
CA ASP A 439 -5.20 2.22 -29.29
C ASP A 439 -5.49 1.27 -28.14
N VAL A 440 -4.53 0.41 -27.80
CA VAL A 440 -4.71 -0.55 -26.73
C VAL A 440 -4.86 0.16 -25.39
N LYS A 441 -4.03 1.18 -25.14
CA LYS A 441 -4.13 1.91 -23.88
C LYS A 441 -5.45 2.65 -23.75
N SER A 442 -6.13 2.89 -24.87
CA SER A 442 -7.44 3.54 -24.84
C SER A 442 -8.57 2.57 -24.50
N LEU A 443 -8.30 1.27 -24.50
CA LEU A 443 -9.37 0.29 -24.31
C LEU A 443 -9.88 0.26 -22.88
N SER A 444 -9.03 0.63 -21.90
CA SER A 444 -9.41 0.46 -20.50
C SER A 444 -10.72 1.17 -20.16
N ARG A 445 -10.95 2.36 -20.74
CA ARG A 445 -12.14 3.11 -20.34
C ARG A 445 -13.41 2.50 -20.90
N VAL A 446 -13.39 2.06 -22.17
CA VAL A 446 -14.57 1.39 -22.72
C VAL A 446 -14.77 0.03 -22.05
N MET A 447 -13.68 -0.70 -21.79
CA MET A 447 -13.77 -1.96 -21.06
CA MET A 447 -13.80 -1.97 -21.08
C MET A 447 -14.48 -1.79 -19.73
N ILE A 448 -14.03 -0.80 -18.94
CA ILE A 448 -14.59 -0.59 -17.60
C ILE A 448 -16.07 -0.27 -17.70
N HIS A 449 -16.45 0.51 -18.71
CA HIS A 449 -17.82 1.01 -18.78
C HIS A 449 -18.79 -0.10 -19.18
N VAL A 450 -18.36 -1.01 -20.03
CA VAL A 450 -19.19 -2.16 -20.40
C VAL A 450 -19.21 -3.20 -19.30
N PHE A 451 -18.04 -3.50 -18.72
CA PHE A 451 -17.91 -4.62 -17.80
C PHE A 451 -18.50 -4.32 -16.42
N SER A 452 -18.43 -3.07 -15.96
CA SER A 452 -18.91 -2.76 -14.61
C SER A 452 -20.40 -2.41 -14.56
N ASP A 453 -21.11 -2.51 -15.68
CA ASP A 453 -22.54 -2.24 -15.72
C ASP A 453 -23.27 -3.58 -15.75
N GLY A 454 -24.03 -3.88 -14.71
CA GLY A 454 -24.89 -5.05 -14.70
C GLY A 454 -24.41 -6.16 -13.78
N VAL A 455 -24.91 -7.36 -14.04
CA VAL A 455 -24.69 -8.49 -13.16
C VAL A 455 -23.22 -8.90 -13.16
N THR A 456 -22.76 -9.45 -12.05
CA THR A 456 -21.44 -10.04 -11.93
C THR A 456 -21.57 -11.56 -11.92
N ASN A 457 -20.83 -12.22 -12.80
CA ASN A 457 -20.79 -13.67 -12.82
C ASN A 457 -19.57 -14.12 -13.61
N TRP A 458 -19.27 -15.42 -13.54
CA TRP A 458 -18.10 -15.92 -14.24
C TRP A 458 -18.27 -15.87 -15.76
N GLY A 459 -19.50 -15.99 -16.26
CA GLY A 459 -19.69 -15.99 -17.69
C GLY A 459 -19.22 -14.70 -18.34
N ARG A 460 -19.49 -13.57 -17.70
CA ARG A 460 -19.04 -12.29 -18.24
C ARG A 460 -17.52 -12.15 -18.13
N ILE A 461 -16.93 -12.76 -17.10
CA ILE A 461 -15.48 -12.77 -17.00
C ILE A 461 -14.88 -13.57 -18.15
N VAL A 462 -15.52 -14.69 -18.52
CA VAL A 462 -15.06 -15.44 -19.69
C VAL A 462 -15.19 -14.58 -20.95
N THR A 463 -16.28 -13.81 -21.07
CA THR A 463 -16.44 -13.00 -22.27
C THR A 463 -15.36 -11.94 -22.35
N LEU A 464 -15.08 -11.27 -21.22
CA LEU A 464 -13.99 -10.30 -21.14
C LEU A 464 -12.68 -10.89 -21.62
N ILE A 465 -12.31 -12.06 -21.10
CA ILE A 465 -11.02 -12.64 -21.43
C ILE A 465 -11.01 -13.24 -22.83
N SER A 466 -12.13 -13.85 -23.25
CA SER A 466 -12.26 -14.42 -24.59
C SER A 466 -12.18 -13.34 -25.67
N PHE A 467 -12.86 -12.21 -25.46
CA PHE A 467 -12.68 -11.13 -26.43
C PHE A 467 -11.24 -10.64 -26.42
N GLY A 468 -10.60 -10.64 -25.25
CA GLY A 468 -9.18 -10.31 -25.21
C GLY A 468 -8.36 -11.21 -26.11
N ALA A 469 -8.62 -12.53 -26.07
CA ALA A 469 -7.91 -13.45 -26.95
C ALA A 469 -8.22 -13.16 -28.41
N PHE A 470 -9.48 -12.84 -28.71
CA PHE A 470 -9.85 -12.47 -30.07
C PHE A 470 -9.05 -11.27 -30.55
N VAL A 471 -8.87 -10.27 -29.67
CA VAL A 471 -8.08 -9.10 -30.02
C VAL A 471 -6.61 -9.47 -30.11
N ALA A 472 -6.13 -10.36 -29.23
CA ALA A 472 -4.73 -10.76 -29.30
C ALA A 472 -4.44 -11.42 -30.64
N LYS A 473 -5.37 -12.24 -31.12
CA LYS A 473 -5.21 -12.85 -32.44
C LYS A 473 -5.08 -11.78 -33.51
N HIS A 474 -5.94 -10.76 -33.45
CA HIS A 474 -5.87 -9.65 -34.38
C HIS A 474 -4.53 -8.92 -34.29
N LEU A 475 -4.12 -8.56 -33.07
CA LEU A 475 -2.83 -7.88 -32.89
C LEU A 475 -1.70 -8.67 -33.51
N LYS A 476 -1.76 -10.00 -33.43
CA LYS A 476 -0.71 -10.83 -34.01
C LYS A 476 -0.66 -10.68 -35.53
N THR A 477 -1.83 -10.58 -36.17
CA THR A 477 -1.86 -10.53 -37.63
C THR A 477 -1.38 -9.19 -38.15
N ILE A 478 -1.70 -8.09 -37.46
CA ILE A 478 -1.23 -6.77 -37.89
C ILE A 478 0.17 -6.52 -37.35
N ASN A 479 0.89 -7.60 -37.02
CA ASN A 479 2.29 -7.53 -36.59
C ASN A 479 2.45 -6.61 -35.37
N GLN A 480 1.47 -6.64 -34.48
CA GLN A 480 1.51 -5.87 -33.24
C GLN A 480 1.57 -6.80 -32.01
N GLU A 481 2.32 -7.89 -32.14
CA GLU A 481 2.40 -8.89 -31.08
C GLU A 481 2.89 -8.29 -29.77
N SER A 482 3.75 -7.27 -29.85
CA SER A 482 4.26 -6.64 -28.65
C SER A 482 3.17 -5.92 -27.85
N CYS A 483 1.98 -5.74 -28.42
CA CYS A 483 0.86 -5.14 -27.70
C CYS A 483 0.08 -6.16 -26.88
N ILE A 484 0.38 -7.45 -27.00
CA ILE A 484 -0.48 -8.45 -26.36
C ILE A 484 -0.31 -8.41 -24.84
N GLU A 485 0.93 -8.40 -24.36
CA GLU A 485 1.13 -8.32 -22.91
C GLU A 485 0.52 -7.05 -22.32
N PRO A 486 0.71 -5.85 -22.91
CA PRO A 486 0.01 -4.67 -22.37
C PRO A 486 -1.49 -4.85 -22.32
N LEU A 487 -2.07 -5.49 -23.35
CA LEU A 487 -3.50 -5.77 -23.35
C LEU A 487 -3.89 -6.69 -22.20
N ALA A 488 -3.10 -7.74 -22.00
CA ALA A 488 -3.37 -8.66 -20.89
C ALA A 488 -3.32 -7.94 -19.55
N GLU A 489 -2.35 -7.03 -19.38
CA GLU A 489 -2.28 -6.27 -18.14
C GLU A 489 -3.48 -5.37 -17.99
N SER A 490 -3.94 -4.77 -19.08
CA SER A 490 -5.09 -3.89 -19.00
C SER A 490 -6.37 -4.64 -18.65
N ILE A 491 -6.57 -5.83 -19.24
CA ILE A 491 -7.74 -6.62 -18.91
C ILE A 491 -7.70 -7.05 -17.44
N THR A 492 -6.54 -7.52 -17.00
CA THR A 492 -6.38 -7.95 -15.61
C THR A 492 -6.70 -6.81 -14.65
N ASP A 493 -6.21 -5.61 -14.95
CA ASP A 493 -6.45 -4.47 -14.09
C ASP A 493 -7.95 -4.19 -13.95
N VAL A 494 -8.67 -4.15 -15.07
CA VAL A 494 -10.11 -3.95 -15.02
C VAL A 494 -10.78 -5.05 -14.20
N LEU A 495 -10.41 -6.30 -14.42
CA LEU A 495 -11.06 -7.39 -13.73
C LEU A 495 -10.88 -7.28 -12.22
N VAL A 496 -9.63 -7.15 -11.77
CA VAL A 496 -9.39 -7.22 -10.34
C VAL A 496 -9.77 -5.93 -9.63
N ARG A 497 -9.80 -4.81 -10.34
CA ARG A 497 -10.23 -3.58 -9.68
C ARG A 497 -11.74 -3.54 -9.51
N THR A 498 -12.49 -3.96 -10.54
CA THR A 498 -13.94 -3.89 -10.47
C THR A 498 -14.57 -5.04 -9.70
N LYS A 499 -13.92 -6.21 -9.63
CA LYS A 499 -14.55 -7.40 -9.06
C LYS A 499 -13.76 -7.98 -7.89
N ARG A 500 -12.86 -7.20 -7.28
CA ARG A 500 -12.05 -7.68 -6.15
C ARG A 500 -12.87 -8.45 -5.11
N ASP A 501 -13.86 -7.80 -4.50
CA ASP A 501 -14.57 -8.42 -3.39
C ASP A 501 -15.32 -9.68 -3.84
N TRP A 502 -15.99 -9.60 -4.99
CA TRP A 502 -16.67 -10.77 -5.53
C TRP A 502 -15.68 -11.90 -5.78
N LEU A 503 -14.53 -11.59 -6.40
CA LEU A 503 -13.55 -12.64 -6.69
C LEU A 503 -13.06 -13.32 -5.41
N VAL A 504 -12.79 -12.54 -4.37
CA VAL A 504 -12.34 -13.16 -3.12
C VAL A 504 -13.45 -14.02 -2.53
N LYS A 505 -14.70 -13.56 -2.59
CA LYS A 505 -15.82 -14.37 -2.11
C LYS A 505 -15.93 -15.71 -2.86
N GLN A 506 -15.52 -15.75 -4.13
CA GLN A 506 -15.57 -17.01 -4.86
C GLN A 506 -14.36 -17.90 -4.63
N ARG A 507 -13.45 -17.51 -3.73
CA ARG A 507 -12.17 -18.21 -3.56
C ARG A 507 -11.32 -18.07 -4.83
N GLY A 508 -11.43 -16.90 -5.47
CA GLY A 508 -10.59 -16.58 -6.61
C GLY A 508 -10.75 -17.59 -7.74
N TRP A 509 -9.65 -17.90 -8.39
CA TRP A 509 -9.68 -18.75 -9.57
C TRP A 509 -10.01 -20.19 -9.22
N ASP A 510 -9.86 -20.61 -7.96
CA ASP A 510 -10.38 -21.92 -7.58
C ASP A 510 -11.89 -21.97 -7.73
N GLY A 511 -12.60 -20.87 -7.44
CA GLY A 511 -14.03 -20.85 -7.65
C GLY A 511 -14.40 -20.91 -9.12
N PHE A 512 -13.58 -20.31 -9.97
CA PHE A 512 -13.79 -20.39 -11.41
C PHE A 512 -13.74 -21.83 -11.89
N VAL A 513 -12.71 -22.57 -11.45
CA VAL A 513 -12.55 -23.97 -11.87
C VAL A 513 -13.73 -24.80 -11.38
N GLU A 514 -14.17 -24.58 -10.14
N GLU A 514 -14.12 -24.60 -10.11
CA GLU A 514 -15.27 -25.41 -9.64
CA GLU A 514 -15.27 -25.32 -9.55
C GLU A 514 -16.61 -25.01 -10.23
C GLU A 514 -16.54 -25.02 -10.33
N PHE A 515 -16.80 -23.74 -10.58
CA PHE A 515 -18.05 -23.34 -11.23
C PHE A 515 -18.24 -24.06 -12.56
N PHE A 516 -17.16 -24.21 -13.31
CA PHE A 516 -17.24 -24.77 -14.65
C PHE A 516 -16.86 -26.24 -14.69
N HIS A 517 -16.71 -26.88 -13.53
CA HIS A 517 -16.28 -28.27 -13.45
C HIS A 517 -17.26 -29.18 -14.20
N VAL A 518 -16.70 -30.24 -14.80
CA VAL A 518 -17.38 -31.18 -15.71
C VAL A 518 -18.36 -30.47 -16.63
C1 GLC B . 0.92 6.78 9.22
C2 GLC B . 2.07 6.31 8.34
C3 GLC B . 1.59 5.51 7.18
C4 GLC B . 0.72 4.36 7.58
C5 GLC B . -0.48 4.91 8.38
C6 GLC B . -1.29 3.78 8.96
O1 GLC B . 0.20 7.72 8.58
O2 GLC B . 2.69 7.49 7.79
O3 GLC B . 2.77 5.00 6.45
O4 GLC B . 0.19 3.79 6.39
O5 GLC B . 0.00 5.67 9.54
O6 GLC B . -2.52 4.24 9.38
C1 GLC B . 0.78 2.54 6.01
C2 GLC B . 0.95 2.50 4.52
C3 GLC B . -0.40 2.64 3.90
C4 GLC B . -1.27 1.48 4.30
C5 GLC B . -1.39 1.42 5.83
C6 GLC B . -2.11 0.20 6.32
O2 GLC B . 1.80 3.60 4.12
O3 GLC B . -0.27 2.70 2.43
O4 GLC B . -2.59 1.60 3.75
O5 GLC B . -0.04 1.41 6.42
O6 GLC B . -2.49 0.35 7.64
MG MG C . -8.66 16.21 7.43
O1 YI7 D . -22.34 -5.32 -26.21
O2 YI7 D . -20.94 -9.16 -20.78
O3 YI7 D . -19.51 -7.67 -20.06
O4 YI7 D . -15.00 -6.13 -22.62
O5 YI7 D . -20.75 -3.86 -33.18
N1 YI7 D . -22.48 -9.47 -27.50
N2 YI7 D . -22.69 -8.16 -27.67
C1 YI7 D . -21.33 -11.64 -25.26
C2 YI7 D . -20.75 -11.06 -26.56
C3 YI7 D . -21.33 -9.69 -26.92
C4 YI7 D . -23.40 -10.51 -27.92
C5 YI7 D . -21.68 -7.46 -27.18
C6 YI7 D . -21.54 -5.93 -27.17
C7 YI7 D . -22.88 -6.12 -25.21
C8 YI7 D . -21.98 -5.99 -23.97
C9 YI7 D . -22.16 -7.18 -23.06
C10 YI7 D . -21.51 -8.47 -23.62
C11 YI7 D . -19.38 -8.29 -22.41
C12 YI7 D . -19.98 -8.37 -21.00
C13 YI7 D . -18.04 -8.14 -22.69
C14 YI7 D . -16.87 -8.05 -21.69
C15 YI7 D . -16.70 -6.65 -21.08
C16 YI7 D . -16.19 -5.63 -22.09
C17 YI7 D . -14.37 -5.35 -23.60
C18 YI7 D . -14.97 -4.21 -24.10
C19 YI7 D . -14.28 -3.46 -25.06
C20 YI7 D . -13.02 -3.82 -25.51
C21 YI7 D . -13.09 -5.73 -24.04
C22 YI7 D . -12.42 -4.98 -24.98
C23 YI7 D . -11.15 -5.36 -25.45
C24 YI7 D . -10.57 -6.51 -24.91
C25 YI7 D . -11.24 -7.27 -23.96
C26 YI7 D . -12.50 -6.90 -23.50
C27 YI7 D . -22.00 -5.34 -28.49
C28 YI7 D . -21.22 -5.89 -29.67
C29 YI7 D . -21.21 -3.85 -30.82
C30 YI7 D . -21.44 -3.15 -32.16
C31 YI7 D . -21.31 -5.15 -33.32
C32 YI7 D . -21.16 -5.92 -32.01
C33 YI7 D . -20.75 -8.40 -26.66
C34 YI7 D . -19.38 -8.22 -25.99
C35 YI7 D . -19.21 -8.24 -24.58
C36 YI7 D . -17.92 -8.12 -24.09
C37 YI7 D . -16.81 -7.99 -24.94
C38 YI7 D . -16.98 -7.99 -26.31
C39 YI7 D . -18.28 -8.11 -26.82
F1 YI7 D . -9.34 -6.89 -25.35
N3 YI7 D . -20.06 -8.34 -23.55
N4 YI7 D . -21.66 -5.20 -30.88
CL1 YI7 D . -18.50 -8.12 -28.57
S DMS E . -14.35 -3.75 -5.34
O DMS E . -14.78 -5.16 -5.53
C1 DMS E . -15.31 -3.03 -3.96
C2 DMS E . -14.94 -2.72 -6.71
C1 PGE F . 16.07 -3.23 6.83
O1 PGE F . 17.16 -4.12 7.09
C2 PGE F . 16.47 -1.82 7.22
O2 PGE F . 15.36 -0.95 7.09
C3 PGE F . 15.69 0.37 6.69
C4 PGE F . 16.63 1.01 7.70
O4 PGE F . 20.20 2.74 7.21
C6 PGE F . 19.66 2.21 6.00
C5 PGE F . 18.56 1.23 6.33
O3 PGE F . 17.51 1.89 7.02
#